data_2LDT
#
_entry.id   2LDT
#
_entity_poly.entity_id   1
_entity_poly.type   'polyribonucleotide'
_entity_poly.pdbx_seq_one_letter_code
;GGGGAGUACGGCCGCAAGGUUAAAACUCCCC
;
_entity_poly.pdbx_strand_id   A
#
loop_
_chem_comp.id
_chem_comp.type
_chem_comp.name
_chem_comp.formula
A RNA linking ADENOSINE-5'-MONOPHOSPHATE 'C10 H14 N5 O7 P'
C RNA linking CYTIDINE-5'-MONOPHOSPHATE 'C9 H14 N3 O8 P'
G RNA linking GUANOSINE-5'-MONOPHOSPHATE 'C10 H14 N5 O8 P'
U RNA linking URIDINE-5'-MONOPHOSPHATE 'C9 H13 N2 O9 P'
#